data_5FC9
#
_entry.id   5FC9
#
_cell.length_a   68.887
_cell.length_b   68.887
_cell.length_c   184.450
_cell.angle_alpha   90.00
_cell.angle_beta   90.00
_cell.angle_gamma   90.00
#
_symmetry.space_group_name_H-M   'P 41 21 2'
#
loop_
_entity.id
_entity.type
_entity.pdbx_description
1 polymer 'Blue (Type 1) copper domain protein'
2 non-polymer 'COPPER (II) ION'
3 water water
#
_entity_poly.entity_id   1
_entity_poly.type   'polypeptide(L)'
_entity_poly.pdbx_seq_one_letter_code
;DAQIIIPNGNYDVTGAGFYSPLNLEIPVGTTVTWTNDDSVPHNIQSIDVNGKVIQLFNSPPLNTGDRFEHVFEEEGVYKY
YCSFHPWRVGLVTVS
;
_entity_poly.pdbx_strand_id   A,B,C,D
#
loop_
_chem_comp.id
_chem_comp.type
_chem_comp.name
_chem_comp.formula
CU non-polymer 'COPPER (II) ION' 'Cu 2'
#
# COMPACT_ATOMS: atom_id res chain seq x y z
N ASP A 1 1.25 -9.08 -31.75
CA ASP A 1 0.01 -8.96 -32.45
C ASP A 1 -1.14 -8.64 -31.47
N ALA A 2 -1.08 -9.20 -30.26
CA ALA A 2 -1.94 -8.85 -29.14
C ALA A 2 -1.13 -9.15 -27.88
N GLN A 3 -0.52 -8.11 -27.34
CA GLN A 3 0.53 -8.29 -26.35
C GLN A 3 0.17 -7.64 -25.04
N ILE A 4 0.61 -8.29 -23.96
CA ILE A 4 0.58 -7.68 -22.63
C ILE A 4 2.00 -7.70 -22.11
N ILE A 5 2.48 -6.54 -21.64
CA ILE A 5 3.82 -6.44 -21.09
C ILE A 5 3.77 -6.42 -19.57
N ILE A 6 4.61 -7.23 -18.93
CA ILE A 6 4.85 -7.09 -17.50
C ILE A 6 6.06 -6.17 -17.34
N PRO A 7 5.83 -4.93 -16.87
CA PRO A 7 6.93 -3.97 -16.92
C PRO A 7 7.91 -4.10 -15.77
N ASN A 8 9.07 -3.48 -15.95
CA ASN A 8 9.98 -3.31 -14.84
C ASN A 8 9.26 -2.60 -13.72
N GLY A 9 9.39 -3.13 -12.51
CA GLY A 9 8.74 -2.55 -11.36
C GLY A 9 7.38 -3.13 -11.02
N ASN A 10 6.95 -4.12 -11.80
CA ASN A 10 5.70 -4.83 -11.50
C ASN A 10 5.74 -5.51 -10.12
N TYR A 11 6.92 -5.84 -9.63
CA TYR A 11 7.04 -6.44 -8.30
C TYR A 11 6.69 -5.46 -7.16
N ASP A 12 6.64 -4.18 -7.49
CA ASP A 12 6.37 -3.11 -6.51
C ASP A 12 4.95 -3.29 -5.96
N VAL A 13 4.78 -3.01 -4.66
CA VAL A 13 3.46 -3.12 -4.02
C VAL A 13 2.78 -1.76 -4.08
N THR A 14 2.30 -1.39 -5.27
CA THR A 14 1.70 -0.08 -5.46
C THR A 14 0.97 -0.08 -6.79
N GLY A 15 0.43 1.07 -7.17
CA GLY A 15 -0.35 1.12 -8.41
C GLY A 15 0.49 1.05 -9.66
N ALA A 16 1.35 2.04 -9.85
CA ALA A 16 2.19 2.06 -11.05
C ALA A 16 2.99 0.78 -11.16
N GLY A 17 3.19 0.31 -12.40
CA GLY A 17 3.89 -0.93 -12.63
C GLY A 17 2.97 -2.07 -13.02
N PHE A 18 1.69 -1.78 -13.18
CA PHE A 18 0.73 -2.81 -13.54
C PHE A 18 0.91 -3.27 -14.99
N TYR A 19 0.29 -4.40 -15.31
CA TYR A 19 0.33 -4.97 -16.67
C TYR A 19 -0.11 -3.94 -17.70
N SER A 20 0.52 -3.99 -18.87
CA SER A 20 0.25 -3.02 -19.93
C SER A 20 -0.11 -3.71 -21.23
N PRO A 21 -1.38 -3.61 -21.65
CA PRO A 21 -2.48 -2.90 -21.00
C PRO A 21 -3.09 -3.72 -19.88
N LEU A 22 -3.76 -3.06 -18.95
CA LEU A 22 -4.35 -3.74 -17.81
C LEU A 22 -5.61 -4.53 -18.22
N ASN A 23 -6.28 -4.04 -19.25
CA ASN A 23 -7.35 -4.79 -19.89
C ASN A 23 -7.06 -4.85 -21.37
N LEU A 24 -6.77 -6.05 -21.86
CA LEU A 24 -6.49 -6.25 -23.28
C LEU A 24 -7.77 -6.65 -23.98
N GLU A 25 -8.24 -5.80 -24.90
CA GLU A 25 -9.44 -6.10 -25.69
C GLU A 25 -9.05 -6.76 -27.02
N ILE A 26 -9.57 -7.96 -27.25
CA ILE A 26 -9.23 -8.73 -28.45
C ILE A 26 -10.47 -9.40 -29.03
N PRO A 27 -10.48 -9.61 -30.35
CA PRO A 27 -11.51 -10.45 -30.95
C PRO A 27 -11.25 -11.92 -30.67
N VAL A 28 -12.30 -12.73 -30.69
CA VAL A 28 -12.21 -14.16 -30.40
C VAL A 28 -11.26 -14.87 -31.38
N GLY A 29 -10.51 -15.84 -30.88
CA GLY A 29 -9.56 -16.59 -31.68
C GLY A 29 -8.15 -16.03 -31.68
N THR A 30 -7.95 -14.91 -30.98
CA THR A 30 -6.67 -14.22 -30.96
C THR A 30 -5.65 -14.93 -30.07
N THR A 31 -4.39 -14.95 -30.51
CA THR A 31 -3.28 -15.42 -29.70
C THR A 31 -2.71 -14.24 -28.92
N VAL A 32 -2.76 -14.33 -27.59
CA VAL A 32 -2.23 -13.29 -26.71
C VAL A 32 -0.84 -13.69 -26.23
N THR A 33 0.10 -12.74 -26.26
CA THR A 33 1.46 -12.99 -25.80
C THR A 33 1.84 -12.08 -24.64
N TRP A 34 2.17 -12.68 -23.51
CA TRP A 34 2.72 -11.93 -22.38
C TRP A 34 4.24 -11.96 -22.44
N THR A 35 4.88 -10.84 -22.13
CA THR A 35 6.33 -10.82 -22.03
C THR A 35 6.71 -10.28 -20.66
N ASN A 36 7.63 -10.97 -19.98
CA ASN A 36 8.16 -10.45 -18.73
C ASN A 36 9.35 -9.51 -18.95
N ASP A 37 9.11 -8.21 -18.84
CA ASP A 37 10.19 -7.22 -18.98
C ASP A 37 10.74 -6.82 -17.62
N ASP A 38 10.20 -7.40 -16.56
CA ASP A 38 10.62 -7.08 -15.21
C ASP A 38 11.91 -7.82 -14.85
N SER A 39 12.55 -7.41 -13.75
CA SER A 39 13.82 -7.99 -13.31
C SER A 39 13.68 -9.11 -12.28
N VAL A 40 12.46 -9.60 -12.10
CA VAL A 40 12.21 -10.76 -11.22
C VAL A 40 11.27 -11.72 -11.94
N PRO A 41 11.22 -12.99 -11.49
CA PRO A 41 10.27 -13.91 -12.12
C PRO A 41 8.81 -13.52 -11.89
N HIS A 42 7.97 -13.85 -12.86
CA HIS A 42 6.53 -13.66 -12.75
C HIS A 42 5.85 -14.88 -13.32
N ASN A 43 4.56 -15.01 -13.05
CA ASN A 43 3.78 -15.99 -13.81
C ASN A 43 2.41 -15.39 -14.12
N ILE A 44 1.67 -16.10 -14.97
CA ILE A 44 0.36 -15.67 -15.40
C ILE A 44 -0.62 -16.79 -15.11
N GLN A 45 -1.58 -16.55 -14.21
CA GLN A 45 -2.57 -17.59 -13.86
C GLN A 45 -3.98 -17.05 -13.95
N SER A 46 -4.83 -17.74 -14.70
CA SER A 46 -6.25 -17.41 -14.72
C SER A 46 -6.83 -17.65 -13.32
N ILE A 47 -7.69 -16.73 -12.85
CA ILE A 47 -8.26 -16.85 -11.51
C ILE A 47 -9.77 -16.65 -11.52
N ASP A 48 -10.40 -17.12 -10.44
CA ASP A 48 -11.83 -16.87 -10.19
C ASP A 48 -12.01 -15.62 -9.34
N VAL A 49 -13.26 -15.33 -8.97
CA VAL A 49 -13.60 -14.12 -8.22
C VAL A 49 -12.94 -14.09 -6.84
N ASN A 50 -12.61 -15.26 -6.30
CA ASN A 50 -11.98 -15.34 -5.00
C ASN A 50 -10.46 -15.36 -5.06
N GLY A 51 -9.91 -15.07 -6.23
CA GLY A 51 -8.46 -15.08 -6.40
C GLY A 51 -7.84 -16.46 -6.23
N LYS A 52 -8.61 -17.49 -6.55
CA LYS A 52 -8.10 -18.85 -6.58
C LYS A 52 -7.75 -19.17 -8.02
N VAL A 53 -6.68 -19.93 -8.21
CA VAL A 53 -6.21 -20.21 -9.55
C VAL A 53 -7.15 -21.25 -10.17
N ILE A 54 -7.60 -20.98 -11.40
CA ILE A 54 -8.42 -21.92 -12.14
C ILE A 54 -7.65 -22.36 -13.36
N GLN A 55 -8.03 -23.50 -13.93
CA GLN A 55 -7.27 -24.02 -15.06
C GLN A 55 -7.85 -23.51 -16.36
N LEU A 56 -7.14 -22.59 -17.02
CA LEU A 56 -7.55 -22.11 -18.32
C LEU A 56 -6.32 -21.59 -19.06
N PHE A 57 -5.62 -20.64 -18.47
CA PHE A 57 -4.30 -20.29 -18.98
C PHE A 57 -3.39 -20.05 -17.80
N ASN A 58 -2.32 -20.83 -17.75
CA ASN A 58 -1.51 -20.97 -16.57
C ASN A 58 -0.06 -21.19 -16.98
N SER A 59 0.75 -20.15 -16.81
CA SER A 59 2.11 -20.15 -17.31
C SER A 59 3.08 -20.85 -16.39
N PRO A 60 4.22 -21.29 -16.94
CA PRO A 60 5.34 -21.64 -16.10
C PRO A 60 5.93 -20.37 -15.48
N PRO A 61 6.90 -20.50 -14.57
CA PRO A 61 7.61 -19.28 -14.16
C PRO A 61 8.21 -18.61 -15.38
N LEU A 62 8.03 -17.30 -15.50
CA LEU A 62 8.59 -16.52 -16.58
C LEU A 62 9.82 -15.78 -16.10
N ASN A 63 10.99 -16.19 -16.60
CA ASN A 63 12.21 -15.43 -16.35
C ASN A 63 12.16 -14.11 -17.09
N THR A 64 13.14 -13.25 -16.82
CA THR A 64 13.22 -12.00 -17.54
C THR A 64 13.40 -12.23 -19.03
N GLY A 65 12.54 -11.62 -19.83
CA GLY A 65 12.57 -11.82 -21.28
C GLY A 65 11.71 -12.95 -21.79
N ASP A 66 11.24 -13.81 -20.89
CA ASP A 66 10.40 -14.94 -21.28
C ASP A 66 9.01 -14.51 -21.70
N ARG A 67 8.39 -15.35 -22.52
CA ARG A 67 7.08 -15.08 -23.06
C ARG A 67 6.15 -16.24 -22.78
N PHE A 68 4.85 -15.94 -22.74
CA PHE A 68 3.82 -16.94 -22.56
C PHE A 68 2.66 -16.61 -23.49
N GLU A 69 2.14 -17.63 -24.16
CA GLU A 69 1.06 -17.41 -25.12
C GLU A 69 -0.18 -18.23 -24.78
N HIS A 70 -1.34 -17.66 -25.07
CA HIS A 70 -2.59 -18.40 -24.99
C HIS A 70 -3.57 -17.96 -26.08
N VAL A 71 -4.21 -18.93 -26.72
CA VAL A 71 -5.23 -18.61 -27.72
C VAL A 71 -6.61 -18.52 -27.06
N PHE A 72 -7.26 -17.36 -27.19
CA PHE A 72 -8.57 -17.15 -26.61
C PHE A 72 -9.67 -17.41 -27.64
N GLU A 73 -10.35 -18.56 -27.50
CA GLU A 73 -11.34 -18.98 -28.49
C GLU A 73 -12.79 -18.76 -28.03
N GLU A 74 -12.99 -18.31 -26.79
CA GLU A 74 -14.33 -18.01 -26.33
C GLU A 74 -14.46 -16.56 -25.91
N GLU A 75 -15.59 -15.93 -26.26
CA GLU A 75 -15.89 -14.60 -25.75
C GLU A 75 -16.03 -14.66 -24.22
N GLY A 76 -15.75 -13.54 -23.56
CA GLY A 76 -15.86 -13.48 -22.11
C GLY A 76 -14.82 -12.54 -21.51
N VAL A 77 -14.93 -12.32 -20.21
CA VAL A 77 -13.98 -11.49 -19.49
C VAL A 77 -13.14 -12.39 -18.61
N TYR A 78 -11.83 -12.36 -18.82
CA TYR A 78 -10.94 -13.31 -18.17
C TYR A 78 -9.95 -12.60 -17.24
N LYS A 79 -10.10 -12.82 -15.93
CA LYS A 79 -9.17 -12.27 -14.95
C LYS A 79 -7.94 -13.16 -14.82
N TYR A 80 -6.79 -12.55 -14.54
CA TYR A 80 -5.61 -13.35 -14.24
C TYR A 80 -4.73 -12.60 -13.25
N TYR A 81 -3.82 -13.32 -12.61
CA TYR A 81 -2.91 -12.66 -11.69
C TYR A 81 -1.54 -13.35 -11.78
N CYS A 82 -0.64 -12.96 -10.92
CA CYS A 82 0.64 -13.63 -10.73
C CYS A 82 0.67 -14.21 -9.33
N SER A 83 1.00 -15.48 -9.19
CA SER A 83 0.94 -16.06 -7.85
C SER A 83 2.02 -15.51 -6.91
N PHE A 84 3.08 -14.93 -7.48
CA PHE A 84 4.13 -14.32 -6.66
C PHE A 84 3.73 -12.93 -6.21
N HIS A 85 2.93 -12.26 -7.03
CA HIS A 85 2.47 -10.90 -6.71
C HIS A 85 0.99 -10.82 -6.96
N PRO A 86 0.19 -11.41 -6.05
CA PRO A 86 -1.24 -11.59 -6.32
C PRO A 86 -2.04 -10.29 -6.39
N TRP A 87 -1.47 -9.18 -5.91
CA TRP A 87 -2.12 -7.88 -6.06
C TRP A 87 -2.08 -7.39 -7.51
N ARG A 88 -1.25 -8.02 -8.33
CA ARG A 88 -1.16 -7.67 -9.75
C ARG A 88 -2.14 -8.48 -10.54
N VAL A 89 -3.33 -7.91 -10.76
CA VAL A 89 -4.42 -8.61 -11.44
C VAL A 89 -4.82 -7.85 -12.70
N GLY A 90 -4.93 -8.58 -13.82
CA GLY A 90 -5.30 -7.97 -15.08
C GLY A 90 -6.47 -8.68 -15.74
N LEU A 91 -6.86 -8.16 -16.89
CA LEU A 91 -7.99 -8.70 -17.64
C LEU A 91 -7.65 -8.92 -19.11
N VAL A 92 -8.27 -9.96 -19.67
CA VAL A 92 -8.37 -10.10 -21.12
C VAL A 92 -9.86 -10.13 -21.45
N THR A 93 -10.29 -9.19 -22.29
CA THR A 93 -11.70 -9.09 -22.64
C THR A 93 -11.87 -9.49 -24.10
N VAL A 94 -12.52 -10.64 -24.28
CA VAL A 94 -12.68 -11.24 -25.59
C VAL A 94 -14.11 -11.07 -26.09
N SER A 95 -14.25 -10.48 -27.27
CA SER A 95 -15.58 -10.27 -27.85
C SER A 95 -15.67 -10.79 -29.29
N ASP B 1 22.84 17.99 6.43
CA ASP B 1 23.63 17.08 7.26
C ASP B 1 22.93 16.20 8.32
N ALA B 2 21.61 16.04 8.23
CA ALA B 2 20.90 14.99 8.98
C ALA B 2 20.13 14.13 8.00
N GLN B 3 20.52 12.87 7.84
CA GLN B 3 19.96 12.08 6.75
C GLN B 3 18.97 11.00 7.16
N ILE B 4 17.96 10.81 6.31
CA ILE B 4 17.07 9.67 6.42
C ILE B 4 17.17 8.88 5.12
N ILE B 5 17.40 7.59 5.23
CA ILE B 5 17.51 6.75 4.04
C ILE B 5 16.24 5.97 3.86
N ILE B 6 15.76 5.92 2.61
CA ILE B 6 14.69 5.00 2.24
C ILE B 6 15.37 3.75 1.70
N PRO B 7 15.35 2.66 2.47
CA PRO B 7 16.22 1.54 2.14
C PRO B 7 15.65 0.58 1.12
N ASN B 8 16.52 -0.31 0.68
CA ASN B 8 16.08 -1.37 -0.19
C ASN B 8 15.02 -2.21 0.49
N GLY B 9 13.93 -2.48 -0.22
CA GLY B 9 12.85 -3.26 0.35
C GLY B 9 11.76 -2.43 1.02
N ASN B 10 11.95 -1.10 1.03
CA ASN B 10 10.94 -0.22 1.61
C ASN B 10 9.59 -0.34 0.88
N TYR B 11 9.65 -0.71 -0.40
CA TYR B 11 8.42 -0.89 -1.17
C TYR B 11 7.55 -2.06 -0.73
N ASP B 12 8.11 -2.95 0.09
CA ASP B 12 7.40 -4.19 0.48
C ASP B 12 6.64 -4.03 1.79
N VAL B 13 5.77 -5.00 2.11
CA VAL B 13 4.98 -4.91 3.34
C VAL B 13 5.60 -5.73 4.48
N THR B 14 6.92 -5.78 4.48
CA THR B 14 7.70 -6.51 5.48
C THR B 14 8.02 -5.66 6.70
N GLY B 15 8.42 -6.32 7.79
CA GLY B 15 8.88 -5.62 8.97
C GLY B 15 10.14 -4.83 8.66
N ALA B 16 11.13 -5.50 8.10
CA ALA B 16 12.34 -4.83 7.64
C ALA B 16 12.03 -3.84 6.52
N GLY B 17 12.83 -2.79 6.44
CA GLY B 17 12.76 -1.90 5.29
C GLY B 17 12.17 -0.55 5.59
N PHE B 18 11.90 -0.27 6.87
CA PHE B 18 11.32 1.02 7.25
C PHE B 18 12.37 2.12 7.10
N TYR B 19 11.91 3.37 7.07
CA TYR B 19 12.81 4.51 6.94
C TYR B 19 13.88 4.47 8.02
N SER B 20 15.08 4.91 7.66
CA SER B 20 16.23 4.76 8.55
C SER B 20 16.89 6.10 8.80
N PRO B 21 16.81 6.64 10.03
CA PRO B 21 16.13 6.10 11.21
C PRO B 21 14.63 6.33 11.13
N LEU B 22 13.87 5.53 11.87
CA LEU B 22 12.42 5.59 11.82
C LEU B 22 11.91 6.87 12.47
N ASN B 23 12.61 7.31 13.52
CA ASN B 23 12.35 8.60 14.15
C ASN B 23 13.64 9.38 14.19
N LEU B 24 13.75 10.39 13.35
CA LEU B 24 14.95 11.22 13.33
C LEU B 24 14.82 12.29 14.39
N GLU B 25 15.73 12.28 15.35
CA GLU B 25 15.72 13.24 16.45
C GLU B 25 16.68 14.37 16.14
N ILE B 26 16.16 15.59 15.96
CA ILE B 26 16.99 16.73 15.58
C ILE B 26 16.63 18.00 16.35
N PRO B 27 17.57 18.93 16.47
CA PRO B 27 17.21 20.23 17.04
C PRO B 27 16.59 21.16 16.00
N VAL B 28 15.89 22.20 16.46
CA VAL B 28 15.37 23.19 15.52
C VAL B 28 16.50 23.76 14.66
N GLY B 29 16.16 24.08 13.42
CA GLY B 29 17.09 24.69 12.50
C GLY B 29 17.88 23.70 11.68
N THR B 30 17.51 22.42 11.76
CA THR B 30 18.26 21.39 11.04
C THR B 30 17.66 21.10 9.67
N THR B 31 18.54 20.96 8.69
CA THR B 31 18.17 20.50 7.36
C THR B 31 18.15 18.98 7.34
N VAL B 32 17.02 18.42 6.94
CA VAL B 32 16.88 16.97 6.83
C VAL B 32 16.90 16.58 5.36
N THR B 33 17.67 15.56 5.04
CA THR B 33 17.81 15.08 3.66
C THR B 33 17.39 13.62 3.56
N TRP B 34 16.33 13.36 2.81
CA TRP B 34 15.93 11.99 2.47
C TRP B 34 16.62 11.57 1.18
N THR B 35 17.13 10.34 1.15
CA THR B 35 17.63 9.77 -0.10
C THR B 35 16.92 8.46 -0.39
N ASN B 36 16.45 8.30 -1.63
CA ASN B 36 15.86 7.03 -2.02
C ASN B 36 16.96 6.02 -2.39
N ASP B 37 17.17 5.00 -1.56
CA ASP B 37 18.15 3.97 -1.89
C ASP B 37 17.46 2.66 -2.27
N ASP B 38 16.16 2.73 -2.52
CA ASP B 38 15.38 1.56 -2.92
C ASP B 38 15.41 1.42 -4.45
N SER B 39 14.86 0.31 -4.95
CA SER B 39 14.87 0.04 -6.38
C SER B 39 13.65 0.56 -7.14
N VAL B 40 12.74 1.23 -6.44
CA VAL B 40 11.51 1.76 -7.03
C VAL B 40 11.31 3.20 -6.60
N PRO B 41 10.43 3.95 -7.29
CA PRO B 41 10.19 5.33 -6.83
C PRO B 41 9.51 5.42 -5.45
N HIS B 42 9.83 6.51 -4.75
CA HIS B 42 9.20 6.83 -3.48
C HIS B 42 8.96 8.34 -3.43
N ASN B 43 8.20 8.79 -2.43
CA ASN B 43 8.11 10.21 -2.17
C ASN B 43 7.90 10.40 -0.68
N ILE B 44 7.98 11.66 -0.24
CA ILE B 44 7.85 12.00 1.17
C ILE B 44 6.74 13.03 1.34
N GLN B 45 5.70 12.66 2.09
CA GLN B 45 4.55 13.53 2.35
C GLN B 45 4.28 13.66 3.84
N SER B 46 4.33 14.88 4.35
CA SER B 46 3.90 15.14 5.73
C SER B 46 2.47 14.67 5.93
N ILE B 47 2.20 14.02 7.04
CA ILE B 47 0.84 13.63 7.40
C ILE B 47 0.54 14.12 8.81
N ASP B 48 -0.74 14.24 9.15
CA ASP B 48 -1.11 14.75 10.46
C ASP B 48 -1.03 13.62 11.49
N VAL B 49 -1.42 13.91 12.72
CA VAL B 49 -1.20 12.98 13.81
C VAL B 49 -1.97 11.67 13.59
N ASN B 50 -3.07 11.75 12.83
CA ASN B 50 -3.89 10.58 12.57
C ASN B 50 -3.53 9.87 11.26
N GLY B 51 -2.55 10.40 10.54
CA GLY B 51 -2.10 9.76 9.31
C GLY B 51 -2.71 10.26 8.02
N LYS B 52 -3.36 11.42 8.08
CA LYS B 52 -3.95 12.02 6.87
C LYS B 52 -2.98 13.03 6.23
N VAL B 53 -2.80 12.98 4.91
CA VAL B 53 -1.82 13.86 4.26
C VAL B 53 -2.13 15.32 4.48
N ILE B 54 -1.09 16.07 4.79
CA ILE B 54 -1.17 17.52 4.93
C ILE B 54 -0.05 18.16 4.13
N GLN B 55 -0.03 19.49 4.07
CA GLN B 55 0.89 20.18 3.17
C GLN B 55 2.04 20.91 3.86
N LEU B 56 2.77 20.21 4.72
CA LEU B 56 3.89 20.84 5.43
C LEU B 56 5.22 20.61 4.70
N PHE B 57 5.43 19.40 4.23
CA PHE B 57 6.58 19.13 3.38
C PHE B 57 6.18 17.99 2.49
N ASN B 58 6.40 18.16 1.19
CA ASN B 58 5.82 17.27 0.19
C ASN B 58 6.73 17.18 -1.01
N SER B 59 7.35 16.02 -1.20
CA SER B 59 8.35 15.86 -2.24
C SER B 59 7.73 15.52 -3.59
N PRO B 60 8.47 15.82 -4.66
CA PRO B 60 8.18 15.24 -5.96
C PRO B 60 8.55 13.75 -5.94
N PRO B 61 8.24 13.03 -7.02
CA PRO B 61 8.69 11.63 -7.05
C PRO B 61 10.20 11.55 -6.99
N LEU B 62 10.70 10.60 -6.20
CA LEU B 62 12.12 10.35 -6.05
C LEU B 62 12.48 9.02 -6.68
N ASN B 63 13.23 9.06 -7.77
CA ASN B 63 13.82 7.84 -8.30
C ASN B 63 15.00 7.40 -7.46
N THR B 64 15.49 6.18 -7.70
CA THR B 64 16.66 5.69 -7.01
C THR B 64 17.77 6.73 -7.08
N GLY B 65 18.30 7.11 -5.92
CA GLY B 65 19.39 8.07 -5.84
C GLY B 65 18.96 9.51 -5.65
N ASP B 66 17.68 9.79 -5.87
CA ASP B 66 17.17 11.16 -5.73
C ASP B 66 17.04 11.54 -4.26
N ARG B 67 17.09 12.84 -4.01
CA ARG B 67 17.07 13.41 -2.66
C ARG B 67 15.96 14.44 -2.52
N PHE B 68 15.49 14.61 -1.28
CA PHE B 68 14.51 15.63 -0.91
C PHE B 68 14.92 16.23 0.42
N GLU B 69 14.86 17.56 0.52
CA GLU B 69 15.24 18.24 1.77
C GLU B 69 14.11 19.08 2.35
N HIS B 70 14.09 19.20 3.68
CA HIS B 70 13.20 20.09 4.39
C HIS B 70 13.92 20.61 5.61
N VAL B 71 13.81 21.89 5.90
CA VAL B 71 14.42 22.45 7.11
C VAL B 71 13.36 22.57 8.19
N PHE B 72 13.61 21.92 9.32
CA PHE B 72 12.68 21.90 10.43
C PHE B 72 13.02 23.02 11.39
N GLU B 73 12.16 24.04 11.42
CA GLU B 73 12.44 25.28 12.13
C GLU B 73 11.62 25.44 13.41
N GLU B 74 10.75 24.47 13.69
CA GLU B 74 9.85 24.55 14.84
C GLU B 74 9.80 23.24 15.63
N GLU B 75 9.76 23.34 16.95
CA GLU B 75 9.64 22.16 17.79
C GLU B 75 8.32 21.43 17.56
N GLY B 76 8.38 20.10 17.62
CA GLY B 76 7.18 19.29 17.52
C GLY B 76 7.49 17.95 16.89
N VAL B 77 6.46 17.10 16.81
CA VAL B 77 6.57 15.78 16.19
C VAL B 77 5.92 15.82 14.82
N TYR B 78 6.65 15.35 13.82
CA TYR B 78 6.19 15.37 12.44
C TYR B 78 6.18 13.97 11.85
N LYS B 79 5.01 13.46 11.51
CA LYS B 79 4.95 12.18 10.81
C LYS B 79 4.96 12.40 9.30
N TYR B 80 5.35 11.38 8.56
CA TYR B 80 5.28 11.46 7.10
C TYR B 80 5.08 10.07 6.55
N TYR B 81 4.55 9.98 5.35
CA TYR B 81 4.56 8.70 4.66
C TYR B 81 4.92 8.89 3.20
N CYS B 82 4.67 7.86 2.40
CA CYS B 82 4.93 7.89 0.97
C CYS B 82 3.61 7.63 0.26
N SER B 83 3.23 8.43 -0.73
CA SER B 83 1.92 8.22 -1.32
C SER B 83 1.86 6.93 -2.12
N PHE B 84 3.02 6.41 -2.51
CA PHE B 84 3.04 5.14 -3.25
C PHE B 84 2.90 3.95 -2.28
N HIS B 85 3.40 4.13 -1.06
CA HIS B 85 3.39 3.07 -0.03
C HIS B 85 2.95 3.66 1.31
N PRO B 86 1.65 3.93 1.46
CA PRO B 86 1.17 4.70 2.62
C PRO B 86 1.43 4.03 3.96
N TRP B 87 1.64 2.72 4.00
CA TRP B 87 1.91 2.04 5.27
C TRP B 87 3.30 2.32 5.80
N ARG B 88 4.19 2.85 4.96
CA ARG B 88 5.52 3.23 5.40
C ARG B 88 5.46 4.63 6.00
N VAL B 89 5.42 4.67 7.32
CA VAL B 89 5.28 5.92 8.07
C VAL B 89 6.52 6.16 8.91
N GLY B 90 7.11 7.35 8.78
CA GLY B 90 8.24 7.71 9.62
C GLY B 90 7.96 8.96 10.45
N LEU B 91 8.92 9.33 11.30
CA LEU B 91 8.77 10.51 12.14
C LEU B 91 10.03 11.34 12.14
N VAL B 92 9.84 12.65 12.32
CA VAL B 92 10.93 13.55 12.65
C VAL B 92 10.51 14.26 13.94
N THR B 93 11.35 14.16 14.97
CA THR B 93 11.04 14.78 16.25
C THR B 93 12.02 15.93 16.48
N VAL B 94 11.47 17.14 16.50
CA VAL B 94 12.25 18.36 16.59
C VAL B 94 12.14 18.90 18.01
N SER B 95 13.28 19.06 18.68
CA SER B 95 13.25 19.55 20.05
C SER B 95 14.34 20.57 20.33
N ASP C 1 -0.78 5.63 32.81
CA ASP C 1 0.63 6.00 32.89
C ASP C 1 1.44 5.37 31.75
N ALA C 2 1.73 6.17 30.73
CA ALA C 2 2.42 5.72 29.53
C ALA C 2 1.65 4.58 28.86
N GLN C 3 0.62 4.95 28.11
CA GLN C 3 -0.20 3.99 27.40
C GLN C 3 0.06 4.05 25.89
N ILE C 4 0.06 2.89 25.25
CA ILE C 4 0.02 2.82 23.81
C ILE C 4 -1.24 2.06 23.43
N ILE C 5 -2.00 2.60 22.49
CA ILE C 5 -3.20 1.93 22.01
C ILE C 5 -2.96 1.35 20.62
N ILE C 6 -3.34 0.10 20.43
CA ILE C 6 -3.46 -0.46 19.09
C ILE C 6 -4.91 -0.21 18.66
N PRO C 7 -5.12 0.74 17.73
CA PRO C 7 -6.51 1.16 17.45
C PRO C 7 -7.25 0.23 16.52
N ASN C 8 -8.58 0.33 16.51
CA ASN C 8 -9.35 -0.36 15.50
C ASN C 8 -8.86 0.05 14.12
N GLY C 9 -8.61 -0.94 13.26
CA GLY C 9 -8.11 -0.67 11.93
C GLY C 9 -6.60 -0.79 11.78
N ASN C 10 -5.92 -1.16 12.87
CA ASN C 10 -4.47 -1.37 12.80
C ASN C 10 -4.13 -2.53 11.84
N TYR C 11 -5.07 -3.45 11.62
CA TYR C 11 -4.87 -4.54 10.67
C TYR C 11 -4.81 -4.05 9.22
N ASP C 12 -5.27 -2.82 8.99
CA ASP C 12 -5.33 -2.25 7.63
C ASP C 12 -3.90 -2.12 7.09
N VAL C 13 -3.72 -2.35 5.79
CA VAL C 13 -2.41 -2.19 5.15
C VAL C 13 -2.31 -0.79 4.57
N THR C 14 -2.14 0.19 5.46
CA THR C 14 -2.08 1.59 5.04
C THR C 14 -1.50 2.40 6.19
N GLY C 15 -1.39 3.71 6.03
CA GLY C 15 -0.81 4.53 7.09
C GLY C 15 -1.71 4.70 8.30
N ALA C 16 -2.87 5.31 8.11
CA ALA C 16 -3.82 5.49 9.21
C ALA C 16 -4.09 4.16 9.91
N GLY C 17 -4.26 4.22 11.22
CA GLY C 17 -4.45 3.01 12.01
C GLY C 17 -3.20 2.60 12.77
N PHE C 18 -2.15 3.40 12.73
CA PHE C 18 -0.90 3.02 13.40
C PHE C 18 -1.03 3.14 14.92
N TYR C 19 -0.06 2.57 15.63
CA TYR C 19 -0.03 2.63 17.09
C TYR C 19 -0.11 4.07 17.55
N SER C 20 -0.78 4.28 18.69
CA SER C 20 -1.03 5.62 19.21
C SER C 20 -0.60 5.74 20.66
N PRO C 21 0.47 6.51 20.92
CA PRO C 21 1.30 7.26 19.98
C PRO C 21 2.29 6.36 19.23
N LEU C 22 2.74 6.79 18.05
CA LEU C 22 3.64 5.98 17.26
C LEU C 22 5.04 5.96 17.87
N ASN C 23 5.44 7.07 18.49
CA ASN C 23 6.62 7.08 19.34
C ASN C 23 6.19 7.51 20.75
N LEU C 24 6.27 6.58 21.69
CA LEU C 24 5.96 6.88 23.08
C LEU C 24 7.20 7.37 23.81
N GLU C 25 7.19 8.63 24.24
CA GLU C 25 8.32 9.20 24.95
C GLU C 25 8.10 9.07 26.45
N ILE C 26 9.03 8.39 27.14
CA ILE C 26 8.90 8.16 28.58
C ILE C 26 10.22 8.33 29.33
N PRO C 27 10.15 8.66 30.63
CA PRO C 27 11.35 8.67 31.44
C PRO C 27 11.74 7.26 31.86
N VAL C 28 13.03 7.05 32.11
CA VAL C 28 13.52 5.74 32.56
C VAL C 28 12.76 5.28 33.80
N GLY C 29 12.43 3.99 33.82
CA GLY C 29 11.78 3.39 34.96
C GLY C 29 10.28 3.25 34.82
N THR C 30 9.75 3.70 33.69
CA THR C 30 8.31 3.74 33.47
C THR C 30 7.76 2.40 32.97
N THR C 31 6.61 2.02 33.51
CA THR C 31 5.88 0.87 33.00
C THR C 31 4.99 1.28 31.83
N VAL C 32 5.21 0.64 30.68
CA VAL C 32 4.41 0.91 29.50
C VAL C 32 3.35 -0.15 29.32
N THR C 33 2.13 0.28 29.00
CA THR C 33 1.06 -0.67 28.75
C THR C 33 0.53 -0.52 27.33
N TRP C 34 0.61 -1.59 26.55
CA TRP C 34 -0.08 -1.69 25.27
C TRP C 34 -1.48 -2.28 25.47
N THR C 35 -2.47 -1.67 24.84
CA THR C 35 -3.82 -2.22 24.86
C THR C 35 -4.30 -2.47 23.45
N ASN C 36 -4.81 -3.68 23.17
CA ASN C 36 -5.36 -3.97 21.87
C ASN C 36 -6.83 -3.57 21.81
N ASP C 37 -7.10 -2.44 21.15
CA ASP C 37 -8.48 -1.98 20.95
C ASP C 37 -9.02 -2.34 19.57
N ASP C 38 -8.23 -3.10 18.80
CA ASP C 38 -8.61 -3.53 17.45
C ASP C 38 -9.51 -4.77 17.48
N SER C 39 -10.08 -5.12 16.35
CA SER C 39 -11.04 -6.23 16.25
C SER C 39 -10.39 -7.57 15.94
N VAL C 40 -9.07 -7.59 15.81
CA VAL C 40 -8.32 -8.81 15.51
C VAL C 40 -7.15 -8.92 16.47
N PRO C 41 -6.57 -10.13 16.60
CA PRO C 41 -5.39 -10.29 17.46
C PRO C 41 -4.15 -9.52 16.99
N HIS C 42 -3.37 -9.06 17.95
CA HIS C 42 -2.10 -8.42 17.69
C HIS C 42 -1.06 -8.95 18.66
N ASN C 43 0.21 -8.68 18.40
CA ASN C 43 1.24 -8.89 19.42
C ASN C 43 2.28 -7.80 19.34
N ILE C 44 3.15 -7.76 20.34
CA ILE C 44 4.20 -6.76 20.44
C ILE C 44 5.54 -7.46 20.59
N GLN C 45 6.43 -7.23 19.62
CA GLN C 45 7.76 -7.82 19.63
C GLN C 45 8.83 -6.77 19.44
N SER C 46 9.75 -6.67 20.39
CA SER C 46 10.91 -5.78 20.23
C SER C 46 11.74 -6.19 19.01
N ILE C 47 12.15 -5.20 18.22
CA ILE C 47 13.03 -5.42 17.08
C ILE C 47 14.24 -4.46 17.13
N ASP C 48 15.32 -4.78 16.44
CA ASP C 48 16.48 -3.88 16.46
C ASP C 48 16.40 -2.83 15.35
N VAL C 49 17.46 -2.04 15.17
CA VAL C 49 17.41 -0.94 14.19
C VAL C 49 17.25 -1.41 12.75
N ASN C 50 17.49 -2.69 12.51
CA ASN C 50 17.34 -3.25 11.18
C ASN C 50 16.03 -4.00 11.01
N GLY C 51 15.25 -4.09 12.07
CA GLY C 51 13.96 -4.77 12.01
C GLY C 51 14.01 -6.24 12.37
N LYS C 52 15.13 -6.69 12.92
CA LYS C 52 15.25 -8.08 13.32
C LYS C 52 14.66 -8.27 14.72
N VAL C 53 13.84 -9.31 14.92
CA VAL C 53 13.25 -9.56 16.24
C VAL C 53 14.32 -9.86 17.29
N ILE C 54 14.23 -9.19 18.44
CA ILE C 54 15.13 -9.44 19.56
C ILE C 54 14.32 -9.72 20.82
N GLN C 55 14.98 -10.19 21.88
CA GLN C 55 14.24 -10.66 23.03
C GLN C 55 14.22 -9.67 24.20
N LEU C 56 13.95 -8.40 23.91
CA LEU C 56 13.88 -7.40 24.98
C LEU C 56 12.48 -7.37 25.61
N PHE C 57 11.44 -7.41 24.78
CA PHE C 57 10.08 -7.55 25.27
C PHE C 57 9.24 -8.17 24.17
N ASN C 58 8.47 -9.18 24.53
CA ASN C 58 7.79 -10.04 23.58
C ASN C 58 6.48 -10.54 24.16
N SER C 59 5.37 -10.10 23.58
CA SER C 59 4.05 -10.41 24.12
C SER C 59 3.49 -11.70 23.54
N PRO C 60 2.55 -12.32 24.27
CA PRO C 60 1.71 -13.37 23.68
C PRO C 60 0.74 -12.73 22.71
N PRO C 61 -0.03 -13.53 21.95
CA PRO C 61 -1.10 -12.91 21.17
C PRO C 61 -2.07 -12.15 22.07
N LEU C 62 -2.41 -10.94 21.67
CA LEU C 62 -3.37 -10.11 22.40
C LEU C 62 -4.70 -10.07 21.67
N ASN C 63 -5.74 -10.62 22.29
CA ASN C 63 -7.08 -10.45 21.75
C ASN C 63 -7.62 -9.07 22.08
N THR C 64 -8.76 -8.73 21.49
CA THR C 64 -9.43 -7.47 21.76
C THR C 64 -9.60 -7.28 23.26
N GLY C 65 -9.15 -6.14 23.78
CA GLY C 65 -9.24 -5.86 25.20
C GLY C 65 -8.02 -6.27 26.01
N ASP C 66 -7.15 -7.08 25.43
CA ASP C 66 -5.99 -7.57 26.16
C ASP C 66 -4.89 -6.51 26.29
N ARG C 67 -4.05 -6.68 27.31
CA ARG C 67 -2.98 -5.73 27.60
C ARG C 67 -1.64 -6.44 27.77
N PHE C 68 -0.56 -5.73 27.42
CA PHE C 68 0.78 -6.23 27.60
C PHE C 68 1.59 -5.12 28.25
N GLU C 69 2.41 -5.44 29.24
CA GLU C 69 3.21 -4.41 29.87
C GLU C 69 4.71 -4.72 29.86
N HIS C 70 5.50 -3.66 29.80
CA HIS C 70 6.94 -3.77 29.92
C HIS C 70 7.49 -2.59 30.68
N VAL C 71 8.36 -2.83 31.64
CA VAL C 71 9.02 -1.73 32.34
C VAL C 71 10.31 -1.43 31.62
N PHE C 72 10.50 -0.17 31.22
CA PHE C 72 11.71 0.25 30.54
C PHE C 72 12.67 0.86 31.54
N GLU C 73 13.68 0.08 31.94
CA GLU C 73 14.59 0.50 33.00
C GLU C 73 15.83 1.21 32.49
N GLU C 74 16.04 1.21 31.18
CA GLU C 74 17.26 1.75 30.62
C GLU C 74 16.96 2.81 29.58
N GLU C 75 17.85 3.80 29.46
CA GLU C 75 17.77 4.81 28.42
C GLU C 75 17.97 4.19 27.04
N GLY C 76 17.19 4.61 26.04
CA GLY C 76 17.41 4.12 24.70
C GLY C 76 16.21 4.30 23.80
N VAL C 77 16.39 3.92 22.53
CA VAL C 77 15.32 3.91 21.55
C VAL C 77 14.96 2.46 21.23
N TYR C 78 13.71 2.10 21.41
CA TYR C 78 13.24 0.72 21.27
C TYR C 78 12.14 0.58 20.22
N LYS C 79 12.48 -0.05 19.11
CA LYS C 79 11.50 -0.32 18.08
C LYS C 79 10.76 -1.61 18.39
N TYR C 80 9.53 -1.69 17.92
CA TYR C 80 8.75 -2.91 18.07
C TYR C 80 7.79 -3.05 16.92
N TYR C 81 7.36 -4.29 16.66
CA TYR C 81 6.38 -4.51 15.62
C TYR C 81 5.42 -5.61 16.04
N CYS C 82 4.50 -5.96 15.16
CA CYS C 82 3.57 -7.06 15.40
C CYS C 82 3.86 -8.14 14.37
N SER C 83 4.07 -9.39 14.78
CA SER C 83 4.44 -10.40 13.80
C SER C 83 3.28 -10.76 12.86
N PHE C 84 2.05 -10.47 13.28
CA PHE C 84 0.87 -10.70 12.42
C PHE C 84 0.75 -9.62 11.33
N HIS C 85 1.16 -8.40 11.68
CA HIS C 85 1.11 -7.27 10.76
C HIS C 85 2.45 -6.52 10.82
N PRO C 86 3.48 -7.10 10.18
CA PRO C 86 4.86 -6.62 10.33
C PRO C 86 5.07 -5.19 9.85
N TRP C 87 4.18 -4.68 9.00
CA TRP C 87 4.29 -3.31 8.54
C TRP C 87 3.93 -2.31 9.64
N ARG C 88 3.35 -2.80 10.73
CA ARG C 88 3.02 -1.94 11.85
C ARG C 88 4.16 -1.92 12.86
N VAL C 89 4.93 -0.84 12.79
CA VAL C 89 6.14 -0.70 13.60
C VAL C 89 6.06 0.62 14.37
N GLY C 90 6.34 0.57 15.66
CA GLY C 90 6.40 1.78 16.47
C GLY C 90 7.66 1.86 17.31
N LEU C 91 7.76 2.89 18.16
CA LEU C 91 8.92 3.08 19.01
C LEU C 91 8.54 3.47 20.41
N VAL C 92 9.43 3.15 21.35
CA VAL C 92 9.38 3.69 22.69
C VAL C 92 10.71 4.35 22.92
N THR C 93 10.69 5.63 23.26
CA THR C 93 11.93 6.38 23.45
C THR C 93 12.06 6.74 24.90
N VAL C 94 13.11 6.23 25.52
CA VAL C 94 13.30 6.30 26.97
C VAL C 94 14.47 7.22 27.31
N SER C 95 14.24 8.26 28.10
CA SER C 95 15.35 9.17 28.40
C SER C 95 15.43 9.53 29.88
N ASP D 1 -26.81 -2.33 -13.25
CA ASP D 1 -26.63 -0.98 -13.78
C ASP D 1 -25.15 -0.57 -13.80
N ALA D 2 -24.82 0.58 -13.21
CA ALA D 2 -23.46 1.09 -13.21
C ALA D 2 -22.85 1.18 -11.81
N GLN D 3 -22.74 0.03 -11.15
CA GLN D 3 -22.23 -0.02 -9.79
C GLN D 3 -20.89 -0.75 -9.72
N ILE D 4 -19.99 -0.20 -8.90
CA ILE D 4 -18.75 -0.90 -8.57
C ILE D 4 -18.74 -1.10 -7.06
N ILE D 5 -18.43 -2.31 -6.63
CA ILE D 5 -18.32 -2.59 -5.21
C ILE D 5 -16.86 -2.69 -4.79
N ILE D 6 -16.51 -2.04 -3.68
CA ILE D 6 -15.23 -2.24 -3.03
C ILE D 6 -15.45 -3.29 -1.96
N PRO D 7 -14.99 -4.52 -2.20
CA PRO D 7 -15.44 -5.60 -1.31
C PRO D 7 -14.65 -5.77 -0.02
N ASN D 8 -15.21 -6.57 0.88
CA ASN D 8 -14.50 -6.94 2.10
C ASN D 8 -13.15 -7.56 1.74
N GLY D 9 -12.10 -7.09 2.37
CA GLY D 9 -10.77 -7.61 2.11
C GLY D 9 -10.01 -6.80 1.09
N ASN D 10 -10.64 -5.79 0.50
CA ASN D 10 -9.96 -4.95 -0.49
C ASN D 10 -8.73 -4.25 0.11
N TYR D 11 -8.74 -4.02 1.42
CA TYR D 11 -7.61 -3.38 2.10
C TYR D 11 -6.32 -4.22 2.10
N ASP D 12 -6.43 -5.51 1.77
CA ASP D 12 -5.29 -6.42 1.89
C ASP D 12 -4.51 -6.54 0.57
N VAL D 13 -3.29 -7.08 0.63
CA VAL D 13 -2.48 -7.22 -0.58
C VAL D 13 -2.63 -8.61 -1.20
N THR D 14 -3.85 -9.12 -1.17
CA THR D 14 -4.18 -10.46 -1.65
C THR D 14 -4.70 -10.45 -3.07
N GLY D 15 -4.78 -11.63 -3.68
CA GLY D 15 -5.42 -11.75 -4.98
C GLY D 15 -6.89 -11.40 -4.87
N ALA D 16 -7.57 -12.04 -3.92
CA ALA D 16 -8.96 -11.74 -3.62
C ALA D 16 -9.15 -10.30 -3.17
N GLY D 17 -10.34 -9.75 -3.43
CA GLY D 17 -10.70 -8.45 -2.89
C GLY D 17 -10.61 -7.29 -3.86
N PHE D 18 -10.36 -7.57 -5.13
CA PHE D 18 -10.29 -6.51 -6.14
C PHE D 18 -11.68 -5.90 -6.38
N TYR D 19 -11.71 -4.69 -6.93
CA TYR D 19 -12.97 -4.00 -7.24
C TYR D 19 -13.84 -4.87 -8.13
N SER D 20 -15.14 -4.83 -7.89
CA SER D 20 -16.08 -5.70 -8.59
C SER D 20 -17.18 -4.88 -9.29
N PRO D 21 -17.18 -4.87 -10.62
CA PRO D 21 -16.23 -5.51 -11.53
C PRO D 21 -14.92 -4.73 -11.64
N LEU D 22 -13.86 -5.42 -12.04
CA LEU D 22 -12.54 -4.80 -12.17
C LEU D 22 -12.53 -3.79 -13.30
N ASN D 23 -13.27 -4.10 -14.37
CA ASN D 23 -13.52 -3.18 -15.45
C ASN D 23 -15.01 -3.00 -15.64
N LEU D 24 -15.51 -1.80 -15.41
CA LEU D 24 -16.92 -1.50 -15.62
C LEU D 24 -17.13 -0.93 -17.02
N GLU D 25 -17.91 -1.63 -17.84
CA GLU D 25 -18.23 -1.15 -19.19
C GLU D 25 -19.56 -0.41 -19.21
N ILE D 26 -19.54 0.85 -19.65
CA ILE D 26 -20.71 1.70 -19.67
C ILE D 26 -20.75 2.58 -20.90
N PRO D 27 -21.95 3.03 -21.30
CA PRO D 27 -22.05 4.02 -22.38
C PRO D 27 -21.81 5.44 -21.86
N VAL D 28 -21.51 6.37 -22.76
CA VAL D 28 -21.29 7.75 -22.36
C VAL D 28 -22.51 8.33 -21.66
N GLY D 29 -22.27 9.22 -20.70
CA GLY D 29 -23.33 9.90 -19.97
C GLY D 29 -23.82 9.15 -18.74
N THR D 30 -23.22 8.00 -18.46
CA THR D 30 -23.66 7.15 -17.37
C THR D 30 -23.11 7.63 -16.03
N THR D 31 -23.95 7.63 -15.01
CA THR D 31 -23.51 7.86 -13.64
C THR D 31 -23.00 6.55 -13.04
N VAL D 32 -21.73 6.55 -12.63
CA VAL D 32 -21.14 5.37 -12.01
C VAL D 32 -21.12 5.56 -10.49
N THR D 33 -21.53 4.53 -9.76
CA THR D 33 -21.52 4.60 -8.30
C THR D 33 -20.59 3.54 -7.69
N TRP D 34 -19.67 3.98 -6.85
CA TRP D 34 -18.84 3.09 -6.05
C TRP D 34 -19.41 2.99 -4.64
N THR D 35 -19.46 1.77 -4.10
CA THR D 35 -19.88 1.60 -2.71
C THR D 35 -18.80 0.87 -1.91
N ASN D 36 -18.48 1.37 -0.73
CA ASN D 36 -17.51 0.71 0.14
C ASN D 36 -18.17 -0.36 1.02
N ASP D 37 -17.94 -1.63 0.69
CA ASP D 37 -18.45 -2.76 1.48
C ASP D 37 -17.37 -3.34 2.40
N ASP D 38 -16.22 -2.69 2.46
CA ASP D 38 -15.08 -3.17 3.26
C ASP D 38 -15.17 -2.64 4.69
N SER D 39 -14.29 -3.15 5.56
CA SER D 39 -14.33 -2.84 6.98
C SER D 39 -13.45 -1.64 7.34
N VAL D 40 -12.83 -1.04 6.34
CA VAL D 40 -11.94 0.11 6.54
C VAL D 40 -12.28 1.18 5.50
N PRO D 41 -11.79 2.42 5.71
CA PRO D 41 -12.05 3.46 4.71
C PRO D 41 -11.36 3.23 3.36
N HIS D 42 -12.00 3.68 2.30
CA HIS D 42 -11.41 3.68 0.96
C HIS D 42 -11.73 5.00 0.28
N ASN D 43 -11.10 5.24 -0.86
CA ASN D 43 -11.49 6.38 -1.69
C ASN D 43 -11.22 6.01 -3.13
N ILE D 44 -11.66 6.86 -4.04
CA ILE D 44 -11.54 6.61 -5.48
C ILE D 44 -10.85 7.79 -6.12
N GLN D 45 -9.68 7.55 -6.72
CA GLN D 45 -8.93 8.61 -7.39
C GLN D 45 -8.61 8.20 -8.81
N SER D 46 -9.02 9.00 -9.78
CA SER D 46 -8.62 8.81 -11.16
C SER D 46 -7.11 8.82 -11.28
N ILE D 47 -6.55 7.89 -12.05
CA ILE D 47 -5.11 7.89 -12.36
C ILE D 47 -4.91 7.82 -13.87
N ASP D 48 -3.74 8.24 -14.36
CA ASP D 48 -3.54 8.28 -15.80
C ASP D 48 -3.16 6.90 -16.33
N VAL D 49 -2.85 6.80 -17.61
CA VAL D 49 -2.65 5.50 -18.22
C VAL D 49 -1.52 4.71 -17.55
N ASN D 50 -0.56 5.43 -16.97
CA ASN D 50 0.60 4.80 -16.33
C ASN D 50 0.43 4.63 -14.81
N GLY D 51 -0.67 5.16 -14.27
CA GLY D 51 -0.97 4.93 -12.86
C GLY D 51 -0.61 6.07 -11.91
N LYS D 52 -0.37 7.25 -12.48
CA LYS D 52 -0.12 8.43 -11.68
C LYS D 52 -1.43 9.15 -11.39
N VAL D 53 -1.66 9.53 -10.14
CA VAL D 53 -2.94 10.12 -9.78
C VAL D 53 -3.11 11.47 -10.48
N ILE D 54 -4.33 11.69 -10.99
CA ILE D 54 -4.70 12.93 -11.67
C ILE D 54 -5.99 13.49 -11.11
N GLN D 55 -6.24 14.76 -11.37
CA GLN D 55 -7.53 15.34 -11.00
C GLN D 55 -8.50 15.15 -12.16
N LEU D 56 -9.50 14.30 -11.96
CA LEU D 56 -10.52 14.04 -12.97
C LEU D 56 -11.78 13.57 -12.27
N PHE D 57 -11.67 12.50 -11.50
CA PHE D 57 -12.71 12.16 -10.52
C PHE D 57 -12.04 11.68 -9.25
N ASN D 58 -12.40 12.32 -8.13
CA ASN D 58 -11.67 12.16 -6.89
C ASN D 58 -12.61 12.23 -5.71
N SER D 59 -12.79 11.11 -5.03
CA SER D 59 -13.75 11.02 -3.95
C SER D 59 -13.18 11.53 -2.63
N PRO D 60 -14.08 11.92 -1.71
CA PRO D 60 -13.70 12.06 -0.31
C PRO D 60 -13.51 10.68 0.30
N PRO D 61 -13.03 10.59 1.55
CA PRO D 61 -12.95 9.27 2.18
C PRO D 61 -14.33 8.59 2.25
N LEU D 62 -14.37 7.29 1.98
CA LEU D 62 -15.59 6.52 2.06
C LEU D 62 -15.50 5.55 3.22
N ASN D 63 -16.33 5.76 4.24
CA ASN D 63 -16.43 4.79 5.30
C ASN D 63 -17.29 3.62 4.84
N THR D 64 -17.33 2.56 5.63
CA THR D 64 -18.17 1.42 5.30
C THR D 64 -19.59 1.89 4.97
N GLY D 65 -20.09 1.50 3.80
CA GLY D 65 -21.43 1.85 3.38
C GLY D 65 -21.56 3.14 2.60
N ASP D 66 -20.52 3.96 2.60
CA ASP D 66 -20.52 5.21 1.85
C ASP D 66 -20.44 4.99 0.33
N ARG D 67 -20.91 5.98 -0.41
CA ARG D 67 -20.96 5.93 -1.87
C ARG D 67 -20.26 7.13 -2.49
N PHE D 68 -19.71 6.93 -3.68
CA PHE D 68 -19.17 8.02 -4.48
C PHE D 68 -19.68 7.86 -5.89
N GLU D 69 -20.04 8.97 -6.53
CA GLU D 69 -20.55 8.90 -7.89
C GLU D 69 -19.82 9.84 -8.81
N HIS D 70 -19.73 9.45 -10.08
CA HIS D 70 -19.18 10.32 -11.09
C HIS D 70 -19.90 10.07 -12.41
N VAL D 71 -20.22 11.14 -13.12
CA VAL D 71 -20.81 11.02 -14.45
C VAL D 71 -19.71 11.02 -15.51
N PHE D 72 -19.65 9.93 -16.28
CA PHE D 72 -18.66 9.83 -17.34
C PHE D 72 -19.25 10.30 -18.66
N GLU D 73 -18.85 11.49 -19.09
CA GLU D 73 -19.43 12.12 -20.27
C GLU D 73 -18.63 11.87 -21.56
N GLU D 74 -17.42 11.36 -21.42
CA GLU D 74 -16.53 11.17 -22.56
C GLU D 74 -16.08 9.72 -22.73
N GLU D 75 -16.07 9.26 -23.98
CA GLU D 75 -15.60 7.92 -24.30
C GLU D 75 -14.12 7.76 -23.89
N GLY D 76 -13.74 6.54 -23.51
CA GLY D 76 -12.36 6.26 -23.21
C GLY D 76 -12.18 5.21 -22.12
N VAL D 77 -10.93 4.97 -21.75
CA VAL D 77 -10.60 4.03 -20.68
C VAL D 77 -10.03 4.82 -19.51
N TYR D 78 -10.68 4.72 -18.36
CA TYR D 78 -10.29 5.51 -17.20
C TYR D 78 -9.89 4.63 -16.03
N LYS D 79 -8.61 4.64 -15.70
CA LYS D 79 -8.14 3.88 -14.55
C LYS D 79 -8.33 4.68 -13.27
N TYR D 80 -8.36 3.99 -12.14
CA TYR D 80 -8.46 4.65 -10.87
C TYR D 80 -7.84 3.76 -9.82
N TYR D 81 -7.41 4.37 -8.71
CA TYR D 81 -7.04 3.59 -7.55
C TYR D 81 -7.58 4.21 -6.28
N CYS D 82 -7.03 3.77 -5.16
CA CYS D 82 -7.38 4.28 -3.85
C CYS D 82 -6.12 4.84 -3.21
N SER D 83 -6.16 6.08 -2.71
CA SER D 83 -4.95 6.65 -2.17
C SER D 83 -4.48 5.93 -0.91
N PHE D 84 -5.39 5.23 -0.24
CA PHE D 84 -5.01 4.47 0.95
C PHE D 84 -4.37 3.13 0.57
N HIS D 85 -4.79 2.59 -0.57
CA HIS D 85 -4.31 1.28 -1.06
C HIS D 85 -4.01 1.36 -2.55
N PRO D 86 -2.87 1.98 -2.91
CA PRO D 86 -2.61 2.30 -4.31
C PRO D 86 -2.50 1.08 -5.23
N TRP D 87 -2.21 -0.10 -4.69
CA TRP D 87 -2.10 -1.30 -5.53
C TRP D 87 -3.48 -1.75 -6.02
N ARG D 88 -4.54 -1.26 -5.40
CA ARG D 88 -5.88 -1.62 -5.85
C ARG D 88 -6.32 -0.69 -6.98
N VAL D 89 -6.19 -1.19 -8.20
CA VAL D 89 -6.44 -0.43 -9.42
C VAL D 89 -7.60 -1.04 -10.20
N GLY D 90 -8.54 -0.18 -10.62
CA GLY D 90 -9.65 -0.63 -11.43
C GLY D 90 -9.78 0.21 -12.69
N LEU D 91 -10.74 -0.14 -13.54
CA LEU D 91 -10.99 0.60 -14.77
C LEU D 91 -12.47 0.85 -14.99
N VAL D 92 -12.77 1.98 -15.62
CA VAL D 92 -14.08 2.24 -16.18
C VAL D 92 -13.88 2.46 -17.67
N THR D 93 -14.55 1.66 -18.48
CA THR D 93 -14.41 1.75 -19.93
C THR D 93 -15.70 2.32 -20.53
N VAL D 94 -15.59 3.51 -21.12
CA VAL D 94 -16.75 4.24 -21.61
C VAL D 94 -16.82 4.17 -23.15
N SER D 95 -17.96 3.70 -23.67
CA SER D 95 -18.14 3.56 -25.11
C SER D 95 -19.24 4.46 -25.66
CU CU E . 4.55 -11.36 -10.47
CU CU F . 7.29 4.56 -1.02
CU CU G . 10.59 22.33 3.29
CU CU H . -0.89 -6.72 14.50
CU CU I . -8.57 1.49 -0.47
#